data_5DNL
#
_entry.id   5DNL
#
_cell.length_a   141.270
_cell.length_b   141.270
_cell.length_c   137.410
_cell.angle_alpha   90.00
_cell.angle_beta   90.00
_cell.angle_gamma   90.00
#
_symmetry.space_group_name_H-M   'I 4 2 2'
#
loop_
_entity.id
_entity.type
_entity.pdbx_description
1 polymer 'Imidazoleglycerol-phosphate dehydratase'
2 non-polymer 'MANGANESE (II) ION'
3 non-polymer '[(2S)-2-hydroxy-3-(1H-1,2,4-triazol-1-yl)propyl]phosphonic acid'
4 water water
#
_entity_poly.entity_id   1
_entity_poly.type   'polypeptide(L)'
_entity_poly.pdbx_seq_one_letter_code
;MRRTTKETDIIVEIGKKGEIKTNDLILDHMLTAFAFYLGKDMRITATYDLRHHLWEDIGITLGEALRENLPEKFTRFGNA
IMPMDDALVLVSVDISNRPYANVDVNIKDAEEGFAVSLLKEFVWGLARGLRATIHIKQLSGENAHHIVEAAFKGLGMALR
VATKESERVESTKGVL
;
_entity_poly.pdbx_strand_id   A,C,B
#
loop_
_chem_comp.id
_chem_comp.type
_chem_comp.name
_chem_comp.formula
5DL non-polymer '[(2S)-2-hydroxy-3-(1H-1,2,4-triazol-1-yl)propyl]phosphonic acid' 'C5 H10 N3 O4 P'
MN non-polymer 'MANGANESE (II) ION' 'Mn 2'
#
# COMPACT_ATOMS: atom_id res chain seq x y z
N MET A 1 5.04 -22.51 -13.48
CA MET A 1 5.78 -21.23 -13.70
C MET A 1 7.29 -21.53 -13.60
N ARG A 2 8.04 -21.19 -14.65
CA ARG A 2 9.49 -21.38 -14.65
C ARG A 2 10.16 -20.04 -14.84
N ARG A 3 11.26 -19.85 -14.12
CA ARG A 3 12.07 -18.65 -14.26
C ARG A 3 13.52 -19.08 -14.27
N THR A 4 14.25 -18.70 -15.32
CA THR A 4 15.61 -19.15 -15.50
C THR A 4 16.52 -17.97 -15.78
N THR A 5 17.59 -17.87 -15.00
CA THR A 5 18.66 -16.92 -15.26
C THR A 5 19.97 -17.67 -15.28
N LYS A 6 21.07 -16.96 -15.47
CA LYS A 6 22.38 -17.58 -15.32
C LYS A 6 22.72 -17.98 -13.87
N GLU A 7 21.96 -17.48 -12.89
CA GLU A 7 22.17 -17.78 -11.47
C GLU A 7 21.31 -18.92 -10.94
N THR A 8 20.05 -18.94 -11.35
CA THR A 8 19.05 -19.88 -10.80
C THR A 8 18.10 -20.41 -11.88
N ASP A 9 17.52 -21.58 -11.61
CA ASP A 9 16.53 -22.18 -12.50
C ASP A 9 15.48 -22.74 -11.56
N ILE A 10 14.28 -22.16 -11.60
CA ILE A 10 13.25 -22.47 -10.64
C ILE A 10 11.94 -22.82 -11.35
N ILE A 11 11.31 -23.89 -10.87
CA ILE A 11 9.96 -24.26 -11.31
C ILE A 11 9.05 -24.27 -10.09
N VAL A 12 7.94 -23.54 -10.18
CA VAL A 12 6.88 -23.58 -9.17
C VAL A 12 5.57 -23.91 -9.86
N GLU A 13 4.97 -25.04 -9.48
CA GLU A 13 3.68 -25.51 -10.06
C GLU A 13 2.66 -25.68 -8.95
N ILE A 14 1.71 -24.75 -8.88
CA ILE A 14 0.68 -24.77 -7.84
C ILE A 14 -0.43 -25.73 -8.26
N GLY A 15 -0.93 -26.51 -7.30
CA GLY A 15 -2.00 -27.47 -7.53
C GLY A 15 -1.56 -28.84 -7.99
N LYS A 16 -0.24 -29.04 -8.17
CA LYS A 16 0.31 -30.34 -8.52
C LYS A 16 0.94 -30.95 -7.29
N LYS A 17 0.58 -32.20 -7.01
CA LYS A 17 1.21 -32.96 -5.94
C LYS A 17 2.62 -33.23 -6.40
N GLY A 18 3.57 -33.01 -5.51
CA GLY A 18 4.96 -33.14 -5.88
C GLY A 18 5.85 -32.74 -4.73
N GLU A 19 7.14 -32.81 -5.00
CA GLU A 19 8.15 -32.52 -3.99
C GLU A 19 8.46 -31.02 -3.95
N ILE A 20 8.92 -30.58 -2.79
CA ILE A 20 9.57 -29.27 -2.64
C ILE A 20 11.04 -29.57 -2.37
N LYS A 21 11.88 -29.34 -3.38
CA LYS A 21 13.29 -29.67 -3.34
C LYS A 21 14.09 -28.58 -3.98
N THR A 22 14.61 -27.67 -3.16
CA THR A 22 15.38 -26.53 -3.63
C THR A 22 16.88 -26.69 -3.46
N ASN A 23 17.31 -27.79 -2.86
CA ASN A 23 18.71 -27.99 -2.44
C ASN A 23 19.14 -27.07 -1.29
N ASP A 24 18.16 -26.57 -0.53
CA ASP A 24 18.42 -25.82 0.71
C ASP A 24 17.38 -26.38 1.70
N LEU A 25 17.82 -27.12 2.71
CA LEU A 25 16.88 -27.81 3.59
C LEU A 25 16.06 -26.85 4.45
N ILE A 26 16.62 -25.68 4.75
CA ILE A 26 15.88 -24.67 5.49
C ILE A 26 14.72 -24.14 4.64
N LEU A 27 15.03 -23.75 3.41
CA LEU A 27 14.01 -23.23 2.52
C LEU A 27 12.97 -24.28 2.20
N ASP A 28 13.41 -25.53 2.04
CA ASP A 28 12.44 -26.61 1.79
C ASP A 28 11.42 -26.69 2.92
N HIS A 29 11.88 -26.57 4.16
CA HIS A 29 11.01 -26.59 5.35
C HIS A 29 10.08 -25.37 5.35
N MET A 30 10.63 -24.19 5.09
CA MET A 30 9.83 -22.98 5.09
C MET A 30 8.75 -23.01 4.01
N LEU A 31 9.11 -23.50 2.82
CA LEU A 31 8.14 -23.60 1.73
C LEU A 31 7.11 -24.67 1.99
N THR A 32 7.51 -25.75 2.65
CA THR A 32 6.55 -26.79 3.06
C THR A 32 5.51 -26.19 4.00
N ALA A 33 5.97 -25.37 4.95
CA ALA A 33 5.06 -24.65 5.85
C ALA A 33 4.16 -23.71 5.05
N PHE A 34 4.75 -22.91 4.17
CA PHE A 34 3.98 -21.97 3.38
C PHE A 34 2.86 -22.69 2.61
N ALA A 35 3.20 -23.77 1.91
CA ALA A 35 2.20 -24.46 1.09
C ALA A 35 1.12 -25.09 1.94
N PHE A 36 1.52 -25.64 3.09
CA PHE A 36 0.57 -26.33 3.98
C PHE A 36 -0.49 -25.35 4.49
N TYR A 37 -0.05 -24.16 4.93
CA TYR A 37 -0.96 -23.17 5.46
C TYR A 37 -1.73 -22.40 4.36
N LEU A 38 -1.17 -22.32 3.16
CA LEU A 38 -1.92 -21.83 1.97
C LEU A 38 -3.09 -22.78 1.63
N GLY A 39 -2.87 -24.06 1.87
CA GLY A 39 -3.87 -25.07 1.60
C GLY A 39 -3.82 -25.60 0.20
N LYS A 40 -2.65 -25.57 -0.43
CA LYS A 40 -2.48 -26.01 -1.80
C LYS A 40 -1.27 -26.91 -1.93
N ASP A 41 -1.39 -27.96 -2.73
CA ASP A 41 -0.27 -28.76 -3.16
C ASP A 41 0.57 -27.91 -4.10
N MET A 42 1.88 -28.07 -4.04
CA MET A 42 2.73 -27.52 -5.07
C MET A 42 4.01 -28.31 -5.25
N ARG A 43 4.54 -28.23 -6.47
CA ARG A 43 5.79 -28.83 -6.83
C ARG A 43 6.77 -27.69 -7.03
N ILE A 44 7.91 -27.76 -6.33
CA ILE A 44 8.93 -26.72 -6.45
C ILE A 44 10.27 -27.42 -6.60
N THR A 45 11.00 -27.06 -7.66
CA THR A 45 12.35 -27.56 -7.87
C THR A 45 13.24 -26.37 -8.20
N ALA A 46 14.48 -26.39 -7.74
CA ALA A 46 15.43 -25.33 -8.03
C ALA A 46 16.86 -25.81 -8.12
N THR A 47 17.63 -25.12 -8.96
CA THR A 47 19.07 -25.13 -8.87
C THR A 47 19.50 -23.67 -8.69
N TYR A 48 20.64 -23.49 -8.03
CA TYR A 48 21.11 -22.16 -7.70
C TYR A 48 22.61 -22.14 -7.46
N ASP A 49 23.18 -20.93 -7.51
CA ASP A 49 24.58 -20.72 -7.18
C ASP A 49 24.76 -20.29 -5.73
N LEU A 50 24.09 -19.21 -5.34
CA LEU A 50 24.16 -18.65 -4.00
C LEU A 50 22.78 -18.65 -3.36
N ARG A 51 22.73 -18.88 -2.05
CA ARG A 51 21.46 -19.00 -1.34
C ARG A 51 20.60 -17.72 -1.47
N HIS A 52 21.21 -16.53 -1.45
CA HIS A 52 20.41 -15.30 -1.62
C HIS A 52 19.66 -15.33 -2.94
N HIS A 53 20.37 -15.69 -4.02
CA HIS A 53 19.72 -15.75 -5.32
C HIS A 53 18.56 -16.77 -5.30
N LEU A 54 18.76 -17.90 -4.63
CA LEU A 54 17.69 -18.88 -4.47
C LEU A 54 16.48 -18.33 -3.75
N TRP A 55 16.69 -17.75 -2.57
CA TRP A 55 15.55 -17.26 -1.77
C TRP A 55 14.76 -16.17 -2.49
N GLU A 56 15.48 -15.21 -3.06
CA GLU A 56 14.84 -14.13 -3.79
C GLU A 56 14.10 -14.68 -5.01
N ASP A 57 14.77 -15.53 -5.79
CA ASP A 57 14.18 -15.97 -7.05
C ASP A 57 13.02 -16.95 -6.84
N ILE A 58 13.08 -17.74 -5.77
CA ILE A 58 11.94 -18.51 -5.29
C ILE A 58 10.78 -17.59 -4.98
N GLY A 59 11.04 -16.50 -4.25
CA GLY A 59 9.99 -15.56 -3.95
C GLY A 59 9.37 -15.00 -5.22
N ILE A 60 10.20 -14.57 -6.16
CA ILE A 60 9.71 -14.01 -7.42
C ILE A 60 8.85 -15.04 -8.16
N THR A 61 9.39 -16.25 -8.31
CA THR A 61 8.71 -17.26 -9.13
C THR A 61 7.42 -17.72 -8.46
N LEU A 62 7.45 -17.92 -7.15
CA LEU A 62 6.25 -18.25 -6.38
C LEU A 62 5.22 -17.13 -6.52
N GLY A 63 5.65 -15.88 -6.40
CA GLY A 63 4.73 -14.76 -6.59
C GLY A 63 4.08 -14.74 -7.96
N GLU A 64 4.89 -14.94 -8.99
CA GLU A 64 4.38 -14.98 -10.35
C GLU A 64 3.40 -16.13 -10.51
N ALA A 65 3.69 -17.26 -9.88
CA ALA A 65 2.81 -18.44 -9.96
C ALA A 65 1.50 -18.16 -9.26
N LEU A 66 1.55 -17.53 -8.09
CA LEU A 66 0.33 -17.14 -7.40
C LEU A 66 -0.50 -16.14 -8.22
N ARG A 67 0.17 -15.19 -8.83
CA ARG A 67 -0.50 -14.19 -9.65
C ARG A 67 -1.21 -14.84 -10.85
N GLU A 68 -0.51 -15.75 -11.53
CA GLU A 68 -1.11 -16.49 -12.66
C GLU A 68 -2.33 -17.28 -12.22
N ASN A 69 -2.33 -17.81 -11.00
CA ASN A 69 -3.40 -18.65 -10.47
C ASN A 69 -4.61 -17.86 -9.94
N LEU A 70 -4.50 -16.52 -9.82
CA LEU A 70 -5.56 -15.76 -9.19
C LEU A 70 -6.80 -15.79 -10.07
N PRO A 71 -7.98 -15.88 -9.45
CA PRO A 71 -9.18 -15.61 -10.23
C PRO A 71 -9.26 -14.15 -10.69
N GLU A 72 -10.14 -13.86 -11.63
CA GLU A 72 -10.30 -12.52 -12.14
C GLU A 72 -10.62 -11.54 -11.01
N LYS A 73 -11.55 -11.93 -10.16
CA LYS A 73 -11.96 -11.15 -9.00
C LYS A 73 -11.53 -11.92 -7.78
N PHE A 74 -10.71 -11.29 -6.93
CA PHE A 74 -10.14 -11.98 -5.77
C PHE A 74 -10.27 -11.10 -4.53
N THR A 75 -10.20 -11.76 -3.37
CA THR A 75 -10.50 -11.17 -2.07
C THR A 75 -9.51 -10.04 -1.69
N ARG A 76 -8.27 -10.16 -2.19
CA ARG A 76 -7.22 -9.10 -2.17
C ARG A 76 -6.48 -9.01 -0.82
N PHE A 77 -7.25 -8.94 0.27
CA PHE A 77 -6.71 -8.80 1.61
C PHE A 77 -6.70 -10.10 2.38
N GLY A 78 -5.64 -10.36 3.13
CA GLY A 78 -5.59 -11.45 4.06
C GLY A 78 -4.56 -11.20 5.12
N ASN A 79 -4.89 -11.59 6.36
CA ASN A 79 -4.00 -11.46 7.51
C ASN A 79 -3.84 -12.78 8.23
N ALA A 80 -2.77 -12.89 9.00
CA ALA A 80 -2.59 -14.01 9.92
C ALA A 80 -1.79 -13.53 11.11
N ILE A 81 -2.10 -14.03 12.29
CA ILE A 81 -1.24 -13.86 13.46
C ILE A 81 -0.86 -15.27 13.84
N MET A 82 0.43 -15.58 13.77
CA MET A 82 0.90 -16.93 13.97
CA MET A 82 0.89 -16.94 13.99
C MET A 82 1.84 -17.02 15.17
N PRO A 83 1.47 -17.82 16.18
CA PRO A 83 2.38 -18.15 17.27
C PRO A 83 3.26 -19.33 16.89
N MET A 84 4.47 -19.33 17.42
CA MET A 84 5.26 -20.55 17.51
C MET A 84 6.09 -20.45 18.77
N ASP A 85 5.66 -21.16 19.81
CA ASP A 85 6.25 -21.06 21.14
C ASP A 85 6.42 -19.56 21.50
N ASP A 86 7.65 -19.11 21.76
CA ASP A 86 7.91 -17.70 22.09
C ASP A 86 7.54 -16.72 21.00
N ALA A 87 7.55 -17.13 19.73
CA ALA A 87 7.32 -16.22 18.60
C ALA A 87 5.84 -15.90 18.44
N LEU A 88 5.56 -14.66 18.05
CA LEU A 88 4.20 -14.26 17.67
C LEU A 88 4.34 -13.26 16.54
N VAL A 89 3.88 -13.61 15.34
CA VAL A 89 4.20 -12.84 14.15
C VAL A 89 2.91 -12.50 13.41
N LEU A 90 2.75 -11.20 13.13
CA LEU A 90 1.65 -10.72 12.31
C LEU A 90 2.09 -10.65 10.85
N VAL A 91 1.27 -11.21 9.96
CA VAL A 91 1.51 -11.16 8.52
C VAL A 91 0.28 -10.53 7.90
N SER A 92 0.48 -9.47 7.12
CA SER A 92 -0.64 -8.79 6.48
C SER A 92 -0.33 -8.59 5.02
N VAL A 93 -1.26 -9.01 4.15
CA VAL A 93 -1.08 -8.99 2.70
C VAL A 93 -2.20 -8.20 2.05
N ASP A 94 -1.84 -7.37 1.08
CA ASP A 94 -2.79 -6.71 0.19
C ASP A 94 -2.28 -6.96 -1.23
N ILE A 95 -3.02 -7.72 -2.04
CA ILE A 95 -2.67 -7.96 -3.43
C ILE A 95 -3.11 -6.73 -4.22
N SER A 96 -2.28 -5.69 -4.07
CA SER A 96 -2.59 -4.31 -4.41
C SER A 96 -2.11 -3.87 -5.79
N ASN A 97 -1.25 -4.67 -6.43
CA ASN A 97 -0.48 -4.25 -7.59
C ASN A 97 0.49 -3.09 -7.28
N ARG A 98 0.89 -2.97 -6.02
CA ARG A 98 1.84 -1.97 -5.57
C ARG A 98 2.96 -2.67 -4.80
N PRO A 99 3.98 -3.20 -5.50
CA PRO A 99 4.98 -3.99 -4.76
C PRO A 99 5.61 -3.22 -3.59
N TYR A 100 5.60 -3.87 -2.44
CA TYR A 100 6.14 -3.30 -1.21
C TYR A 100 6.30 -4.43 -0.19
N ALA A 101 7.40 -4.40 0.55
CA ALA A 101 7.57 -5.30 1.69
C ALA A 101 8.15 -4.51 2.84
N ASN A 102 7.68 -4.85 4.04
CA ASN A 102 8.27 -4.34 5.29
C ASN A 102 8.35 -5.54 6.21
N VAL A 103 9.56 -5.99 6.48
CA VAL A 103 9.83 -7.12 7.38
C VAL A 103 10.54 -6.59 8.60
N ASP A 104 9.86 -6.67 9.74
CA ASP A 104 10.33 -6.13 11.01
C ASP A 104 10.35 -7.29 12.02
N VAL A 105 11.52 -7.91 12.14
CA VAL A 105 11.76 -8.98 13.10
C VAL A 105 12.92 -8.62 14.00
N ASN A 106 13.04 -9.36 15.09
CA ASN A 106 14.06 -9.11 16.11
C ASN A 106 14.47 -10.44 16.67
N ILE A 107 15.47 -11.03 16.04
CA ILE A 107 15.96 -12.34 16.42
C ILE A 107 17.01 -12.19 17.50
N LYS A 108 16.75 -12.76 18.66
CA LYS A 108 17.68 -12.73 19.81
C LYS A 108 18.57 -13.96 19.77
N ASP A 109 17.99 -15.13 19.57
CA ASP A 109 18.75 -16.39 19.54
C ASP A 109 18.86 -16.87 18.09
N ALA A 110 19.99 -16.58 17.47
CA ALA A 110 20.20 -16.90 16.06
C ALA A 110 20.32 -18.40 15.86
N GLU A 111 20.06 -18.83 14.63
CA GLU A 111 20.19 -20.22 14.27
C GLU A 111 20.79 -20.34 12.87
N GLU A 112 21.74 -21.25 12.71
CA GLU A 112 22.40 -21.46 11.42
C GLU A 112 21.38 -21.81 10.33
N GLY A 113 21.49 -21.14 9.19
CA GLY A 113 20.57 -21.37 8.07
C GLY A 113 19.43 -20.37 8.01
N PHE A 114 19.16 -19.68 9.13
CA PHE A 114 18.09 -18.71 9.23
C PHE A 114 18.75 -17.34 9.28
N ALA A 115 18.40 -16.51 8.32
CA ALA A 115 18.98 -15.18 8.24
C ALA A 115 17.92 -14.18 7.82
N VAL A 116 17.96 -13.01 8.46
CA VAL A 116 17.06 -11.94 8.10
C VAL A 116 17.26 -11.55 6.63
N SER A 117 18.51 -11.49 6.15
CA SER A 117 18.78 -11.20 4.73
C SER A 117 17.94 -12.07 3.80
N LEU A 118 17.94 -13.36 4.07
CA LEU A 118 17.27 -14.33 3.20
C LEU A 118 15.76 -14.22 3.33
N LEU A 119 15.26 -14.05 4.56
CA LEU A 119 13.83 -13.83 4.75
C LEU A 119 13.35 -12.61 4.00
N LYS A 120 14.06 -11.51 4.18
CA LYS A 120 13.68 -10.24 3.53
C LYS A 120 13.71 -10.37 2.02
N GLU A 121 14.71 -11.05 1.48
CA GLU A 121 14.82 -11.16 0.02
C GLU A 121 13.74 -12.09 -0.56
N PHE A 122 13.39 -13.15 0.16
CA PHE A 122 12.24 -13.95 -0.27
C PHE A 122 10.96 -13.12 -0.30
N VAL A 123 10.70 -12.35 0.77
CA VAL A 123 9.48 -11.57 0.90
C VAL A 123 9.41 -10.47 -0.15
N TRP A 124 10.52 -9.75 -0.37
CA TRP A 124 10.57 -8.78 -1.45
C TRP A 124 10.37 -9.41 -2.81
N GLY A 125 10.94 -10.60 -3.02
CA GLY A 125 10.76 -11.32 -4.28
C GLY A 125 9.29 -11.66 -4.48
N LEU A 126 8.67 -12.19 -3.43
CA LEU A 126 7.25 -12.51 -3.45
C LEU A 126 6.38 -11.27 -3.71
N ALA A 127 6.69 -10.16 -3.05
CA ALA A 127 5.95 -8.94 -3.25
C ALA A 127 6.05 -8.46 -4.70
N ARG A 128 7.25 -8.54 -5.26
CA ARG A 128 7.46 -8.13 -6.65
C ARG A 128 6.86 -9.08 -7.68
N GLY A 129 6.90 -10.38 -7.42
CA GLY A 129 6.34 -11.37 -8.39
C GLY A 129 4.83 -11.42 -8.38
N LEU A 130 4.25 -11.36 -7.19
CA LEU A 130 2.79 -11.32 -7.02
C LEU A 130 2.22 -9.93 -7.32
N ARG A 131 3.04 -8.90 -7.08
CA ARG A 131 2.68 -7.46 -7.14
C ARG A 131 1.71 -7.15 -6.02
N ALA A 132 2.29 -7.11 -4.82
CA ALA A 132 1.54 -7.06 -3.58
C ALA A 132 2.30 -6.27 -2.52
N THR A 133 1.50 -5.81 -1.54
CA THR A 133 1.98 -5.21 -0.30
C THR A 133 2.07 -6.30 0.74
N ILE A 134 3.22 -6.47 1.39
CA ILE A 134 3.41 -7.51 2.43
C ILE A 134 4.09 -6.93 3.65
N HIS A 135 3.44 -7.05 4.81
CA HIS A 135 4.00 -6.70 6.09
C HIS A 135 4.24 -7.96 6.90
N ILE A 136 5.44 -8.07 7.47
CA ILE A 136 5.78 -9.11 8.46
CA ILE A 136 5.70 -9.09 8.48
C ILE A 136 6.18 -8.34 9.70
N LYS A 137 5.40 -8.45 10.78
CA LYS A 137 5.64 -7.67 12.00
C LYS A 137 5.70 -8.60 13.17
N GLN A 138 6.90 -8.79 13.69
CA GLN A 138 7.06 -9.56 14.90
C GLN A 138 6.45 -8.82 16.09
N LEU A 139 5.55 -9.48 16.82
CA LEU A 139 4.95 -8.94 18.04
C LEU A 139 5.65 -9.41 19.30
N SER A 140 6.16 -10.65 19.29
CA SER A 140 6.93 -11.23 20.38
C SER A 140 7.88 -12.25 19.78
N GLY A 141 8.94 -12.57 20.52
CA GLY A 141 9.75 -13.73 20.21
C GLY A 141 11.23 -13.48 20.32
N GLU A 142 11.95 -14.59 20.41
CA GLU A 142 13.41 -14.60 20.48
C GLU A 142 14.09 -15.57 19.52
N ASN A 143 13.49 -16.76 19.31
CA ASN A 143 14.13 -17.82 18.57
C ASN A 143 14.02 -17.65 17.04
N ALA A 144 15.15 -17.70 16.35
CA ALA A 144 15.15 -17.43 14.89
C ALA A 144 14.23 -18.36 14.11
N HIS A 145 14.29 -19.65 14.39
CA HIS A 145 13.51 -20.65 13.65
C HIS A 145 12.04 -20.41 13.93
N HIS A 146 11.67 -20.17 15.18
CA HIS A 146 10.26 -19.95 15.53
C HIS A 146 9.72 -18.69 14.85
N ILE A 147 10.53 -17.63 14.82
CA ILE A 147 10.12 -16.37 14.19
C ILE A 147 9.95 -16.54 12.69
N VAL A 148 10.96 -17.11 12.03
CA VAL A 148 10.95 -17.22 10.58
C VAL A 148 9.86 -18.22 10.15
N GLU A 149 9.77 -19.37 10.82
CA GLU A 149 8.73 -20.33 10.44
C GLU A 149 7.33 -19.76 10.70
N ALA A 150 7.12 -19.04 11.79
CA ALA A 150 5.83 -18.38 12.00
C ALA A 150 5.49 -17.41 10.86
N ALA A 151 6.49 -16.68 10.38
CA ALA A 151 6.29 -15.81 9.22
C ALA A 151 5.85 -16.58 7.98
N PHE A 152 6.49 -17.70 7.69
CA PHE A 152 6.10 -18.51 6.52
C PHE A 152 4.71 -19.13 6.68
N LYS A 153 4.40 -19.65 7.87
CA LYS A 153 3.04 -20.15 8.15
C LYS A 153 2.03 -19.03 7.94
N GLY A 154 2.35 -17.85 8.45
CA GLY A 154 1.51 -16.70 8.33
C GLY A 154 1.29 -16.23 6.92
N LEU A 155 2.34 -16.19 6.12
CA LEU A 155 2.20 -15.90 4.70
C LEU A 155 1.24 -16.87 4.03
N GLY A 156 1.38 -18.15 4.34
CA GLY A 156 0.46 -19.16 3.76
C GLY A 156 -0.97 -18.88 4.16
N MET A 157 -1.22 -18.68 5.46
CA MET A 157 -2.57 -18.42 5.95
CA MET A 157 -2.57 -18.41 5.96
C MET A 157 -3.14 -17.13 5.37
N ALA A 158 -2.35 -16.08 5.30
CA ALA A 158 -2.82 -14.80 4.80
C ALA A 158 -3.18 -14.87 3.33
N LEU A 159 -2.33 -15.52 2.56
CA LEU A 159 -2.57 -15.68 1.13
C LEU A 159 -3.71 -16.66 0.85
N ARG A 160 -3.93 -17.62 1.74
CA ARG A 160 -5.13 -18.48 1.59
C ARG A 160 -6.39 -17.59 1.50
N VAL A 161 -6.46 -16.58 2.33
CA VAL A 161 -7.61 -15.67 2.39
C VAL A 161 -7.60 -14.72 1.18
N ALA A 162 -6.46 -14.12 0.91
CA ALA A 162 -6.35 -13.07 -0.10
C ALA A 162 -6.55 -13.54 -1.54
N THR A 163 -6.24 -14.81 -1.81
CA THR A 163 -6.28 -15.35 -3.17
C THR A 163 -7.61 -16.03 -3.50
N LYS A 164 -8.54 -16.05 -2.55
CA LYS A 164 -9.87 -16.64 -2.80
C LYS A 164 -10.67 -15.78 -3.75
N GLU A 165 -11.56 -16.41 -4.52
CA GLU A 165 -12.43 -15.66 -5.43
C GLU A 165 -13.42 -14.75 -4.69
N SER A 166 -13.63 -13.57 -5.27
CA SER A 166 -14.54 -12.53 -4.78
C SER A 166 -15.63 -12.30 -5.83
N GLU A 167 -16.73 -11.69 -5.39
CA GLU A 167 -17.77 -11.26 -6.32
C GLU A 167 -17.49 -9.93 -7.03
N ARG A 168 -16.46 -9.17 -6.62
CA ARG A 168 -16.18 -7.87 -7.24
C ARG A 168 -14.69 -7.61 -7.33
N VAL A 169 -14.32 -6.61 -8.14
CA VAL A 169 -12.99 -6.03 -8.11
C VAL A 169 -12.89 -5.25 -6.78
N GLU A 170 -11.95 -5.66 -5.92
CA GLU A 170 -11.92 -5.16 -4.56
C GLU A 170 -11.11 -3.86 -4.44
N SER A 171 -11.57 -2.81 -5.12
CA SER A 171 -10.97 -1.49 -5.03
C SER A 171 -12.00 -0.43 -5.35
N THR A 172 -12.04 0.62 -4.56
CA THR A 172 -12.91 1.75 -4.84
C THR A 172 -12.52 2.49 -6.11
N LYS A 173 -11.26 2.38 -6.55
CA LYS A 173 -10.85 3.08 -7.77
C LYS A 173 -11.24 2.30 -9.03
N GLY A 174 -11.77 1.09 -8.87
CA GLY A 174 -12.35 0.33 -9.97
C GLY A 174 -11.37 -0.58 -10.69
N VAL A 175 -10.08 -0.51 -10.37
CA VAL A 175 -9.06 -1.37 -10.97
C VAL A 175 -7.95 -1.61 -9.96
N LEU A 176 -7.21 -2.68 -10.18
CA LEU A 176 -5.98 -2.93 -9.42
C LEU A 176 -4.77 -2.81 -10.37
N MET B 1 0.61 7.15 -23.49
CA MET B 1 0.25 6.23 -22.35
C MET B 1 -0.92 6.94 -21.66
N ARG B 2 -2.09 6.31 -21.65
CA ARG B 2 -3.22 6.79 -20.85
C ARG B 2 -3.50 5.78 -19.76
N ARG B 3 -3.71 6.28 -18.54
CA ARG B 3 -4.08 5.46 -17.40
C ARG B 3 -5.28 6.12 -16.73
N THR B 4 -6.37 5.37 -16.59
CA THR B 4 -7.61 5.90 -16.09
C THR B 4 -8.15 5.02 -14.98
N THR B 5 -8.45 5.64 -13.86
CA THR B 5 -9.18 5.01 -12.74
C THR B 5 -10.39 5.88 -12.40
N LYS B 6 -11.15 5.48 -11.38
CA LYS B 6 -12.18 6.34 -10.85
C LYS B 6 -11.64 7.59 -10.15
N GLU B 7 -10.35 7.60 -9.83
CA GLU B 7 -9.72 8.75 -9.15
C GLU B 7 -9.04 9.72 -10.09
N THR B 8 -8.34 9.21 -11.09
CA THR B 8 -7.51 10.02 -11.96
C THR B 8 -7.59 9.57 -13.40
N ASP B 9 -7.30 10.50 -14.31
CA ASP B 9 -7.21 10.20 -15.73
C ASP B 9 -5.99 10.95 -16.22
N ILE B 10 -4.98 10.19 -16.62
CA ILE B 10 -3.68 10.72 -16.94
C ILE B 10 -3.21 10.33 -18.31
N ILE B 11 -2.68 11.30 -19.06
CA ILE B 11 -2.00 11.06 -20.32
C ILE B 11 -0.56 11.52 -20.19
N VAL B 12 0.37 10.64 -20.51
CA VAL B 12 1.79 10.99 -20.66
C VAL B 12 2.24 10.52 -22.02
N GLU B 13 2.66 11.45 -22.86
CA GLU B 13 3.11 11.14 -24.22
C GLU B 13 4.52 11.69 -24.41
N ILE B 14 5.51 10.80 -24.31
CA ILE B 14 6.92 11.18 -24.40
C ILE B 14 7.31 11.34 -25.86
N GLY B 15 8.08 12.39 -26.16
CA GLY B 15 8.54 12.68 -27.52
C GLY B 15 7.61 13.56 -28.34
N LYS B 16 6.51 14.00 -27.72
CA LYS B 16 5.50 14.81 -28.36
C LYS B 16 5.58 16.22 -27.83
N LYS B 17 5.61 17.19 -28.73
CA LYS B 17 5.54 18.58 -28.34
C LYS B 17 4.15 18.86 -27.77
N GLY B 18 4.12 19.47 -26.59
CA GLY B 18 2.85 19.74 -25.95
C GLY B 18 3.06 20.35 -24.60
N GLU B 19 1.97 20.68 -23.95
CA GLU B 19 2.03 21.29 -22.64
C GLU B 19 1.97 20.21 -21.57
N ILE B 20 2.38 20.63 -20.37
CA ILE B 20 2.30 19.84 -19.16
C ILE B 20 1.28 20.56 -18.29
N LYS B 21 0.08 19.98 -18.21
CA LYS B 21 -1.06 20.59 -17.54
C LYS B 21 -1.82 19.58 -16.70
N THR B 22 -1.44 19.47 -15.44
CA THR B 22 -2.03 18.51 -14.51
C THR B 22 -3.09 19.07 -13.60
N ASN B 23 -3.33 20.38 -13.66
CA ASN B 23 -4.19 21.09 -12.69
C ASN B 23 -3.58 21.19 -11.29
N ASP B 24 -2.25 21.09 -11.24
CA ASP B 24 -1.48 21.29 -10.00
C ASP B 24 -0.22 22.04 -10.46
N LEU B 25 -0.12 23.33 -10.15
CA LEU B 25 0.97 24.16 -10.68
C LEU B 25 2.35 23.74 -10.15
N ILE B 26 2.39 23.18 -8.96
CA ILE B 26 3.65 22.69 -8.40
C ILE B 26 4.11 21.49 -9.22
N LEU B 27 3.23 20.51 -9.40
CA LEU B 27 3.57 19.34 -10.20
C LEU B 27 3.90 19.70 -11.64
N ASP B 28 3.16 20.64 -12.23
CA ASP B 28 3.49 21.08 -13.59
C ASP B 28 4.94 21.56 -13.68
N HIS B 29 5.36 22.32 -12.68
CA HIS B 29 6.73 22.85 -12.65
C HIS B 29 7.75 21.73 -12.45
N MET B 30 7.45 20.81 -11.53
CA MET B 30 8.33 19.68 -11.30
C MET B 30 8.50 18.78 -12.52
N LEU B 31 7.39 18.52 -13.21
CA LEU B 31 7.43 17.72 -14.43
C LEU B 31 8.10 18.44 -15.59
N THR B 32 7.95 19.75 -15.66
CA THR B 32 8.68 20.55 -16.66
C THR B 32 10.19 20.41 -16.42
N ALA B 33 10.59 20.49 -15.17
CA ALA B 33 11.99 20.24 -14.82
C ALA B 33 12.42 18.84 -15.22
N PHE B 34 11.64 17.83 -14.82
CA PHE B 34 11.97 16.46 -15.15
C PHE B 34 12.21 16.28 -16.66
N ALA B 35 11.25 16.74 -17.46
CA ALA B 35 11.30 16.56 -18.91
C ALA B 35 12.49 17.30 -19.52
N PHE B 36 12.76 18.52 -19.05
CA PHE B 36 13.86 19.31 -19.56
C PHE B 36 15.21 18.62 -19.35
N TYR B 37 15.42 18.08 -18.14
CA TYR B 37 16.68 17.43 -17.83
C TYR B 37 16.77 16.01 -18.39
N LEU B 38 15.63 15.35 -18.60
CA LEU B 38 15.58 14.11 -19.38
C LEU B 38 16.01 14.37 -20.82
N GLY B 39 15.68 15.56 -21.33
CA GLY B 39 16.01 15.96 -22.69
C GLY B 39 14.94 15.54 -23.70
N LYS B 40 13.70 15.40 -23.25
CA LYS B 40 12.59 15.01 -24.13
C LYS B 40 11.43 15.99 -24.02
N ASP B 41 10.78 16.27 -25.15
CA ASP B 41 9.48 16.91 -25.10
C ASP B 41 8.51 15.86 -24.57
N MET B 42 7.51 16.34 -23.85
CA MET B 42 6.37 15.50 -23.55
C MET B 42 5.10 16.29 -23.36
N ARG B 43 3.99 15.60 -23.64
CA ARG B 43 2.67 16.11 -23.40
C ARG B 43 2.13 15.35 -22.20
N ILE B 44 1.69 16.09 -21.20
CA ILE B 44 1.08 15.49 -20.01
C ILE B 44 -0.19 16.24 -19.67
N THR B 45 -1.31 15.51 -19.52
CA THR B 45 -2.55 16.11 -19.08
C THR B 45 -3.13 15.22 -17.99
N ALA B 46 -3.82 15.81 -17.04
CA ALA B 46 -4.45 15.03 -15.99
C ALA B 46 -5.68 15.68 -15.43
N THR B 47 -6.62 14.83 -14.99
CA THR B 47 -7.65 15.21 -14.07
C THR B 47 -7.51 14.30 -12.84
N TYR B 48 -7.92 14.83 -11.70
CA TYR B 48 -7.75 14.12 -10.44
C TYR B 48 -8.71 14.62 -9.38
N ASP B 49 -8.91 13.78 -8.36
CA ASP B 49 -9.69 14.14 -7.17
C ASP B 49 -8.83 14.77 -6.08
N LEU B 50 -7.81 14.03 -5.67
CA LEU B 50 -6.92 14.39 -4.58
C LEU B 50 -5.49 14.43 -5.09
N ARG B 51 -4.71 15.38 -4.58
CA ARG B 51 -3.33 15.58 -5.06
C ARG B 51 -2.47 14.34 -4.90
N HIS B 52 -2.63 13.58 -3.81
CA HIS B 52 -1.83 12.37 -3.66
C HIS B 52 -2.07 11.39 -4.82
N HIS B 53 -3.35 11.20 -5.17
CA HIS B 53 -3.67 10.32 -6.26
C HIS B 53 -3.02 10.82 -7.55
N LEU B 54 -3.03 12.12 -7.76
CA LEU B 54 -2.38 12.72 -8.91
C LEU B 54 -0.89 12.44 -8.96
N TRP B 55 -0.19 12.76 -7.87
CA TRP B 55 1.26 12.61 -7.86
C TRP B 55 1.70 11.15 -8.06
N GLU B 56 1.04 10.24 -7.34
CA GLU B 56 1.31 8.81 -7.47
C GLU B 56 1.00 8.31 -8.87
N ASP B 57 -0.18 8.66 -9.37
CA ASP B 57 -0.59 8.12 -10.66
C ASP B 57 0.19 8.71 -11.83
N ILE B 58 0.58 9.98 -11.71
CA ILE B 58 1.54 10.55 -12.67
C ILE B 58 2.85 9.75 -12.64
N GLY B 59 3.34 9.45 -11.45
CA GLY B 59 4.53 8.62 -11.34
C GLY B 59 4.39 7.29 -12.04
N ILE B 60 3.30 6.60 -11.74
CA ILE B 60 3.04 5.29 -12.37
C ILE B 60 3.00 5.43 -13.89
N THR B 61 2.21 6.38 -14.37
CA THR B 61 2.00 6.53 -15.83
C THR B 61 3.28 6.94 -16.52
N LEU B 62 3.99 7.90 -15.94
CA LEU B 62 5.29 8.30 -16.48
C LEU B 62 6.27 7.13 -16.51
N GLY B 63 6.33 6.34 -15.43
CA GLY B 63 7.17 5.15 -15.41
C GLY B 63 6.84 4.15 -16.50
N GLU B 64 5.56 3.87 -16.65
CA GLU B 64 5.12 2.95 -17.71
C GLU B 64 5.46 3.53 -19.07
N ALA B 65 5.35 4.85 -19.24
CA ALA B 65 5.67 5.49 -20.52
C ALA B 65 7.15 5.37 -20.82
N LEU B 66 7.98 5.59 -19.82
CA LEU B 66 9.42 5.43 -19.97
C LEU B 66 9.79 3.98 -20.30
N ARG B 67 9.14 3.03 -19.63
CA ARG B 67 9.38 1.62 -19.89
C ARG B 67 9.03 1.25 -21.34
N GLU B 68 7.89 1.75 -21.83
CA GLU B 68 7.45 1.49 -23.21
C GLU B 68 8.48 2.00 -24.21
N ASN B 69 9.09 3.14 -23.92
CA ASN B 69 10.06 3.77 -24.82
C ASN B 69 11.48 3.20 -24.72
N LEU B 70 11.75 2.37 -23.73
CA LEU B 70 13.10 1.87 -23.50
C LEU B 70 13.53 1.03 -24.66
N PRO B 71 14.76 1.27 -25.17
CA PRO B 71 15.28 0.32 -26.16
C PRO B 71 15.38 -1.09 -25.63
N GLU B 72 15.46 -2.08 -26.51
CA GLU B 72 15.59 -3.46 -26.07
C GLU B 72 16.80 -3.68 -25.15
N LYS B 73 17.93 -3.09 -25.52
CA LYS B 73 19.14 -3.12 -24.71
C LYS B 73 19.39 -1.68 -24.28
N PHE B 74 19.41 -1.46 -22.96
CA PHE B 74 19.49 -0.12 -22.40
C PHE B 74 20.59 -0.05 -21.32
N THR B 75 21.06 1.17 -21.09
CA THR B 75 22.20 1.45 -20.22
C THR B 75 21.96 1.07 -18.77
N ARG B 76 20.71 1.16 -18.33
CA ARG B 76 20.22 0.62 -17.03
C ARG B 76 20.50 1.54 -15.82
N PHE B 77 21.74 1.99 -15.71
CA PHE B 77 22.20 2.79 -14.58
C PHE B 77 22.33 4.25 -14.97
N GLY B 78 21.90 5.15 -14.09
CA GLY B 78 22.16 6.55 -14.28
C GLY B 78 22.11 7.26 -12.93
N ASN B 79 23.02 8.22 -12.76
CA ASN B 79 23.07 9.05 -11.56
C ASN B 79 23.10 10.51 -11.89
N ALA B 80 22.72 11.32 -10.91
CA ALA B 80 22.88 12.77 -10.98
C ALA B 80 23.11 13.32 -9.61
N ILE B 81 23.95 14.35 -9.52
CA ILE B 81 24.04 15.16 -8.31
C ILE B 81 23.64 16.58 -8.75
N MET B 82 22.57 17.08 -8.17
CA MET B 82 22.00 18.33 -8.57
C MET B 82 21.99 19.36 -7.44
N PRO B 83 22.69 20.49 -7.65
CA PRO B 83 22.59 21.61 -6.73
C PRO B 83 21.41 22.50 -7.09
N MET B 84 20.82 23.14 -6.10
CA MET B 84 19.96 24.31 -6.33
C MET B 84 20.11 25.20 -5.12
N ASP B 85 20.91 26.25 -5.28
CA ASP B 85 21.29 27.12 -4.18
C ASP B 85 21.76 26.23 -2.99
N ASP B 86 21.10 26.36 -1.83
CA ASP B 86 21.43 25.55 -0.65
C ASP B 86 21.31 24.06 -0.85
N ALA B 87 20.42 23.61 -1.74
CA ALA B 87 20.17 22.19 -1.89
C ALA B 87 21.25 21.48 -2.69
N LEU B 88 21.53 20.24 -2.29
CA LEU B 88 22.40 19.37 -3.06
C LEU B 88 21.84 17.98 -2.92
N VAL B 89 21.38 17.41 -4.05
CA VAL B 89 20.63 16.16 -4.01
C VAL B 89 21.23 15.13 -4.95
N LEU B 90 21.48 13.95 -4.41
CA LEU B 90 21.94 12.82 -5.20
C LEU B 90 20.72 11.99 -5.62
N VAL B 91 20.67 11.66 -6.91
CA VAL B 91 19.65 10.77 -7.46
C VAL B 91 20.34 9.61 -8.17
N SER B 92 19.98 8.39 -7.81
CA SER B 92 20.57 7.20 -8.40
C SER B 92 19.49 6.26 -8.85
N VAL B 93 19.56 5.84 -10.11
CA VAL B 93 18.56 4.97 -10.71
C VAL B 93 19.21 3.70 -11.25
N ASP B 94 18.53 2.58 -11.04
CA ASP B 94 18.86 1.31 -11.67
C ASP B 94 17.57 0.76 -12.23
N ILE B 95 17.47 0.67 -13.56
CA ILE B 95 16.29 0.10 -14.20
C ILE B 95 16.43 -1.42 -14.15
N SER B 96 16.12 -1.93 -12.95
CA SER B 96 16.49 -3.25 -12.46
C SER B 96 15.41 -4.30 -12.60
N ASN B 97 14.18 -3.88 -12.91
CA ASN B 97 12.99 -4.70 -12.75
C ASN B 97 12.75 -5.15 -11.31
N ARG B 98 13.23 -4.35 -10.34
CA ARG B 98 13.02 -4.61 -8.93
C ARG B 98 12.50 -3.34 -8.29
N PRO B 99 11.17 -3.11 -8.35
CA PRO B 99 10.67 -1.84 -7.82
C PRO B 99 11.10 -1.58 -6.38
N TYR B 100 11.64 -0.38 -6.18
CA TYR B 100 12.13 0.07 -4.87
C TYR B 100 12.36 1.56 -4.93
N ALA B 101 11.96 2.27 -3.88
CA ALA B 101 12.29 3.67 -3.73
C ALA B 101 12.78 3.94 -2.32
N ASN B 102 13.78 4.81 -2.19
CA ASN B 102 14.25 5.29 -0.90
C ASN B 102 14.47 6.78 -1.07
N VAL B 103 13.61 7.57 -0.45
CA VAL B 103 13.67 9.02 -0.52
C VAL B 103 14.03 9.56 0.85
N ASP B 104 15.19 10.21 0.94
CA ASP B 104 15.75 10.67 2.23
C ASP B 104 16.02 12.14 2.06
N VAL B 105 15.05 12.97 2.46
CA VAL B 105 15.19 14.42 2.42
C VAL B 105 14.98 14.99 3.82
N ASN B 106 15.38 16.23 3.99
CA ASN B 106 15.31 16.90 5.29
C ASN B 106 15.00 18.35 5.02
N ILE B 107 13.71 18.66 4.98
CA ILE B 107 13.24 19.99 4.65
C ILE B 107 13.17 20.80 5.94
N LYS B 108 13.96 21.86 6.03
CA LYS B 108 13.93 22.77 7.19
C LYS B 108 12.92 23.90 6.98
N ASP B 109 12.95 24.52 5.81
CA ASP B 109 12.07 25.66 5.49
C ASP B 109 10.98 25.16 4.52
N ALA B 110 9.83 24.80 5.09
CA ALA B 110 8.73 24.28 4.31
C ALA B 110 8.13 25.31 3.36
N GLU B 111 7.45 24.81 2.32
CA GLU B 111 6.81 25.68 1.35
C GLU B 111 5.50 25.08 0.92
N GLU B 112 4.44 25.90 0.91
CA GLU B 112 3.10 25.44 0.49
C GLU B 112 3.15 24.78 -0.88
N GLY B 113 2.53 23.60 -0.97
CA GLY B 113 2.47 22.87 -2.23
C GLY B 113 3.54 21.80 -2.37
N PHE B 114 4.59 21.91 -1.56
CA PHE B 114 5.70 20.98 -1.55
C PHE B 114 5.56 20.12 -0.31
N ALA B 115 5.45 18.81 -0.50
CA ALA B 115 5.27 17.89 0.61
C ALA B 115 6.06 16.64 0.35
N VAL B 116 6.73 16.16 1.41
CA VAL B 116 7.43 14.87 1.34
C VAL B 116 6.48 13.75 0.95
N SER B 117 5.26 13.72 1.49
CA SER B 117 4.23 12.73 1.09
CA SER B 117 4.29 12.70 1.11
C SER B 117 4.13 12.63 -0.42
N LEU B 118 3.93 13.77 -1.05
CA LEU B 118 3.69 13.81 -2.50
C LEU B 118 4.94 13.43 -3.28
N LEU B 119 6.09 13.93 -2.87
CA LEU B 119 7.36 13.53 -3.51
C LEU B 119 7.54 12.03 -3.43
N LYS B 120 7.36 11.46 -2.23
CA LYS B 120 7.59 10.04 -2.04
C LYS B 120 6.62 9.21 -2.86
N GLU B 121 5.38 9.67 -2.97
CA GLU B 121 4.39 8.89 -3.73
C GLU B 121 4.61 8.98 -5.23
N PHE B 122 5.06 10.12 -5.71
CA PHE B 122 5.49 10.22 -7.10
C PHE B 122 6.64 9.25 -7.37
N VAL B 123 7.65 9.26 -6.49
CA VAL B 123 8.84 8.43 -6.74
C VAL B 123 8.54 6.93 -6.67
N TRP B 124 7.75 6.51 -5.68
CA TRP B 124 7.30 5.12 -5.61
C TRP B 124 6.46 4.75 -6.82
N GLY B 125 5.62 5.65 -7.29
CA GLY B 125 4.82 5.40 -8.51
C GLY B 125 5.73 5.20 -9.70
N LEU B 126 6.71 6.09 -9.83
CA LEU B 126 7.70 5.99 -10.89
C LEU B 126 8.47 4.68 -10.81
N ALA B 127 8.91 4.30 -9.61
CA ALA B 127 9.65 3.07 -9.42
C ALA B 127 8.84 1.84 -9.82
N ARG B 128 7.56 1.85 -9.47
CA ARG B 128 6.65 0.75 -9.77
C ARG B 128 6.27 0.70 -11.25
N GLY B 129 6.08 1.86 -11.88
CA GLY B 129 5.66 1.90 -13.30
C GLY B 129 6.81 1.57 -14.24
N LEU B 130 7.98 2.12 -13.95
CA LEU B 130 9.19 1.82 -14.70
C LEU B 130 9.77 0.45 -14.36
N ARG B 131 9.56 0.01 -13.11
CA ARG B 131 10.12 -1.21 -12.52
C ARG B 131 11.61 -1.00 -12.35
N ALA B 132 11.92 -0.15 -11.37
CA ALA B 132 13.25 0.36 -11.14
C ALA B 132 13.53 0.59 -9.67
N THR B 133 14.81 0.66 -9.38
CA THR B 133 15.37 1.05 -8.08
C THR B 133 15.71 2.52 -8.14
N ILE B 134 15.17 3.34 -7.23
CA ILE B 134 15.41 4.77 -7.23
C ILE B 134 15.76 5.26 -5.83
N HIS B 135 16.93 5.86 -5.71
CA HIS B 135 17.37 6.53 -4.50
C HIS B 135 17.37 8.04 -4.72
N ILE B 136 16.82 8.78 -3.77
CA ILE B 136 16.95 10.22 -3.69
C ILE B 136 17.55 10.49 -2.33
N LYS B 137 18.75 11.08 -2.30
CA LYS B 137 19.47 11.27 -1.06
C LYS B 137 19.91 12.71 -0.98
N GLN B 138 19.28 13.47 -0.10
CA GLN B 138 19.72 14.84 0.16
C GLN B 138 21.08 14.85 0.82
N LEU B 139 22.03 15.58 0.23
CA LEU B 139 23.35 15.74 0.82
C LEU B 139 23.47 17.05 1.60
N SER B 140 22.78 18.08 1.15
CA SER B 140 22.74 19.40 1.79
CA SER B 140 22.74 19.38 1.82
C SER B 140 21.43 20.06 1.47
N GLY B 141 21.03 21.01 2.31
CA GLY B 141 19.90 21.84 1.96
C GLY B 141 18.90 22.08 3.06
N GLU B 142 18.13 23.15 2.86
CA GLU B 142 17.09 23.57 3.77
C GLU B 142 15.76 23.90 3.13
N ASN B 143 15.78 24.51 1.96
CA ASN B 143 14.57 25.03 1.31
C ASN B 143 13.78 23.94 0.58
N ALA B 144 12.49 23.81 0.87
CA ALA B 144 11.66 22.74 0.29
C ALA B 144 11.66 22.73 -1.24
N HIS B 145 11.48 23.89 -1.84
CA HIS B 145 11.37 24.02 -3.29
C HIS B 145 12.71 23.65 -3.92
N HIS B 146 13.81 24.15 -3.35
CA HIS B 146 15.13 23.84 -3.91
C HIS B 146 15.41 22.35 -3.82
N ILE B 147 15.06 21.75 -2.69
CA ILE B 147 15.32 20.33 -2.50
C ILE B 147 14.49 19.48 -3.48
N VAL B 148 13.20 19.74 -3.54
CA VAL B 148 12.30 18.95 -4.37
C VAL B 148 12.58 19.18 -5.85
N GLU B 149 12.78 20.43 -6.26
CA GLU B 149 13.11 20.69 -7.68
C GLU B 149 14.45 20.06 -8.05
N ALA B 150 15.44 20.12 -7.16
CA ALA B 150 16.71 19.43 -7.44
C ALA B 150 16.49 17.94 -7.65
N ALA B 151 15.61 17.34 -6.86
CA ALA B 151 15.29 15.92 -7.01
C ALA B 151 14.66 15.63 -8.39
N PHE B 152 13.75 16.47 -8.84
CA PHE B 152 13.14 16.27 -10.15
C PHE B 152 14.12 16.50 -11.30
N LYS B 153 14.94 17.54 -11.20
CA LYS B 153 16.01 17.76 -12.18
C LYS B 153 16.92 16.54 -12.23
N GLY B 154 17.25 16.02 -11.04
CA GLY B 154 18.15 14.91 -10.93
C GLY B 154 17.60 13.62 -11.50
N LEU B 155 16.31 13.38 -11.26
CA LEU B 155 15.63 12.24 -11.87
C LEU B 155 15.69 12.34 -13.39
N GLY B 156 15.48 13.53 -13.95
CA GLY B 156 15.55 13.69 -15.40
C GLY B 156 16.93 13.37 -15.90
N MET B 157 17.94 13.95 -15.26
CA MET B 157 19.34 13.75 -15.67
CA MET B 157 19.34 13.73 -15.66
C MET B 157 19.76 12.28 -15.54
N ALA B 158 19.40 11.64 -14.43
CA ALA B 158 19.76 10.26 -14.22
C ALA B 158 19.11 9.34 -15.24
N LEU B 159 17.83 9.60 -15.51
CA LEU B 159 17.09 8.79 -16.47
C LEU B 159 17.55 9.06 -17.89
N ARG B 160 18.04 10.27 -18.18
CA ARG B 160 18.67 10.51 -19.49
C ARG B 160 19.77 9.49 -19.76
N VAL B 161 20.59 9.21 -18.75
CA VAL B 161 21.68 8.26 -18.88
C VAL B 161 21.16 6.83 -18.94
N ALA B 162 20.26 6.49 -18.02
CA ALA B 162 19.87 5.11 -17.83
C ALA B 162 19.01 4.55 -18.97
N THR B 163 18.33 5.43 -19.69
CA THR B 163 17.39 4.99 -20.76
C THR B 163 18.04 4.99 -22.13
N LYS B 164 19.31 5.34 -22.24
CA LYS B 164 20.02 5.28 -23.53
C LYS B 164 20.23 3.86 -23.97
N GLU B 165 20.28 3.67 -25.28
CA GLU B 165 20.60 2.37 -25.84
C GLU B 165 22.01 1.88 -25.46
N SER B 166 22.10 0.57 -25.21
CA SER B 166 23.34 -0.15 -24.89
C SER B 166 23.57 -1.24 -25.94
N GLU B 167 24.80 -1.72 -26.05
CA GLU B 167 25.12 -2.85 -26.92
C GLU B 167 24.78 -4.23 -26.34
N ARG B 168 24.43 -4.30 -25.05
CA ARG B 168 24.21 -5.58 -24.42
C ARG B 168 23.11 -5.49 -23.37
N VAL B 169 22.61 -6.65 -22.99
CA VAL B 169 21.76 -6.78 -21.79
C VAL B 169 22.66 -6.51 -20.58
N GLU B 170 22.34 -5.45 -19.83
CA GLU B 170 23.24 -4.96 -18.77
C GLU B 170 23.00 -5.68 -17.44
N SER B 171 23.20 -7.00 -17.43
CA SER B 171 23.12 -7.81 -16.22
C SER B 171 23.95 -9.05 -16.38
N THR B 172 24.75 -9.39 -15.36
CA THR B 172 25.51 -10.63 -15.36
C THR B 172 24.60 -11.85 -15.31
N LYS B 173 23.35 -11.71 -14.87
CA LYS B 173 22.46 -12.86 -14.82
C LYS B 173 21.80 -13.13 -16.15
N GLY B 174 21.99 -12.23 -17.12
CA GLY B 174 21.52 -12.44 -18.50
C GLY B 174 20.10 -11.99 -18.79
N VAL B 175 19.39 -11.51 -17.76
CA VAL B 175 17.97 -11.19 -17.81
C VAL B 175 17.77 -9.93 -16.97
N LEU B 176 16.93 -9.02 -17.47
CA LEU B 176 16.45 -7.82 -16.73
C LEU B 176 14.92 -7.77 -16.78
N MET C 1 -31.38 8.62 7.61
CA MET C 1 -31.14 9.34 8.89
C MET C 1 -30.74 10.76 8.53
N ARG C 2 -31.45 11.74 9.09
CA ARG C 2 -31.10 13.14 8.87
C ARG C 2 -30.80 13.79 10.21
N ARG C 3 -29.77 14.63 10.24
CA ARG C 3 -29.40 15.39 11.43
C ARG C 3 -29.09 16.81 11.00
N THR C 4 -29.81 17.76 11.60
CA THR C 4 -29.70 19.15 11.22
C THR C 4 -29.48 20.04 12.44
N THR C 5 -28.45 20.87 12.36
CA THR C 5 -28.18 21.90 13.34
C THR C 5 -28.00 23.21 12.58
N LYS C 6 -27.68 24.28 13.33
CA LYS C 6 -27.31 25.53 12.67
C LYS C 6 -25.96 25.47 11.95
N GLU C 7 -25.15 24.45 12.24
CA GLU C 7 -23.83 24.26 11.63
C GLU C 7 -23.80 23.34 10.42
N THR C 8 -24.57 22.26 10.47
CA THR C 8 -24.52 21.23 9.44
C THR C 8 -25.90 20.65 9.17
N ASP C 9 -26.05 20.07 7.98
CA ASP C 9 -27.27 19.37 7.60
C ASP C 9 -26.81 18.14 6.85
N ILE C 10 -27.09 16.99 7.42
CA ILE C 10 -26.53 15.72 6.95
C ILE C 10 -27.61 14.68 6.77
N ILE C 11 -27.56 13.99 5.62
CA ILE C 11 -28.41 12.84 5.37
C ILE C 11 -27.51 11.63 5.10
N VAL C 12 -27.76 10.55 5.82
CA VAL C 12 -27.11 9.26 5.57
C VAL C 12 -28.20 8.21 5.40
N GLU C 13 -28.22 7.59 4.23
CA GLU C 13 -29.21 6.54 3.89
C GLU C 13 -28.46 5.28 3.49
N ILE C 14 -28.44 4.32 4.40
CA ILE C 14 -27.76 3.05 4.16
C ILE C 14 -28.69 2.12 3.35
N GLY C 15 -28.10 1.43 2.37
CA GLY C 15 -28.82 0.48 1.54
C GLY C 15 -29.40 1.10 0.27
N LYS C 16 -29.24 2.42 0.12
CA LYS C 16 -29.71 3.15 -1.03
C LYS C 16 -28.53 3.38 -1.96
N LYS C 17 -28.67 3.02 -3.23
CA LYS C 17 -27.66 3.38 -4.22
C LYS C 17 -27.72 4.88 -4.39
N GLY C 18 -26.56 5.51 -4.40
CA GLY C 18 -26.52 6.96 -4.42
C GLY C 18 -25.13 7.53 -4.29
N GLU C 19 -25.08 8.85 -4.37
CA GLU C 19 -23.87 9.64 -4.28
C GLU C 19 -23.40 9.78 -2.83
N ILE C 20 -22.09 9.90 -2.66
CA ILE C 20 -21.49 10.40 -1.41
C ILE C 20 -20.90 11.75 -1.77
N LYS C 21 -21.56 12.81 -1.32
CA LYS C 21 -21.20 14.18 -1.66
C LYS C 21 -21.37 15.08 -0.46
N THR C 22 -20.26 15.29 0.24
CA THR C 22 -20.24 16.14 1.44
C THR C 22 -19.70 17.55 1.24
N ASN C 23 -19.25 17.87 0.04
CA ASN C 23 -18.51 19.12 -0.23
C ASN C 23 -17.12 19.17 0.43
N ASP C 24 -16.56 17.99 0.71
CA ASP C 24 -15.18 17.82 1.16
C ASP C 24 -14.67 16.59 0.41
N LEU C 25 -13.76 16.81 -0.56
CA LEU C 25 -13.30 15.70 -1.39
C LEU C 25 -12.54 14.62 -0.62
N ILE C 26 -11.86 15.00 0.46
CA ILE C 26 -11.11 14.04 1.25
C ILE C 26 -12.13 13.15 1.98
N LEU C 27 -13.10 13.77 2.65
CA LEU C 27 -14.13 13.01 3.37
C LEU C 27 -14.95 12.16 2.39
N ASP C 28 -15.28 12.69 1.21
CA ASP C 28 -16.01 11.85 0.23
C ASP C 28 -15.22 10.56 -0.08
N HIS C 29 -13.91 10.67 -0.24
CA HIS C 29 -13.07 9.52 -0.52
C HIS C 29 -13.03 8.55 0.66
N MET C 30 -12.87 9.08 1.86
CA MET C 30 -12.83 8.25 3.06
C MET C 30 -14.15 7.51 3.27
N LEU C 31 -15.26 8.20 3.07
CA LEU C 31 -16.57 7.56 3.23
C LEU C 31 -16.84 6.55 2.12
N THR C 32 -16.36 6.80 0.91
CA THR C 32 -16.45 5.82 -0.18
C THR C 32 -15.72 4.55 0.22
N ALA C 33 -14.52 4.71 0.78
CA ALA C 33 -13.78 3.58 1.31
C ALA C 33 -14.55 2.86 2.40
N PHE C 34 -15.02 3.60 3.39
CA PHE C 34 -15.80 3.01 4.48
C PHE C 34 -16.96 2.16 3.95
N ALA C 35 -17.78 2.75 3.08
CA ALA C 35 -18.96 2.06 2.58
C ALA C 35 -18.60 0.80 1.77
N PHE C 36 -17.56 0.90 0.96
CA PHE C 36 -17.10 -0.21 0.13
C PHE C 36 -16.71 -1.41 0.97
N TYR C 37 -15.93 -1.16 2.03
CA TYR C 37 -15.45 -2.23 2.90
C TYR C 37 -16.52 -2.70 3.89
N LEU C 38 -17.46 -1.83 4.25
CA LEU C 38 -18.68 -2.26 4.97
C LEU C 38 -19.51 -3.23 4.13
N GLY C 39 -19.49 -3.00 2.82
CA GLY C 39 -20.21 -3.84 1.86
C GLY C 39 -21.63 -3.36 1.66
N LYS C 40 -21.89 -2.07 1.83
CA LYS C 40 -23.24 -1.51 1.66
C LYS C 40 -23.22 -0.30 0.78
N ASP C 41 -24.26 -0.17 -0.05
CA ASP C 41 -24.48 1.08 -0.76
C ASP C 41 -24.95 2.10 0.26
N MET C 42 -24.53 3.33 0.08
CA MET C 42 -25.15 4.40 0.82
C MET C 42 -25.15 5.72 0.08
N ARG C 43 -26.14 6.53 0.43
CA ARG C 43 -26.29 7.86 -0.09
C ARG C 43 -25.97 8.77 1.07
N ILE C 44 -25.02 9.68 0.85
CA ILE C 44 -24.66 10.64 1.89
C ILE C 44 -24.57 12.00 1.26
N THR C 45 -25.27 12.98 1.82
CA THR C 45 -25.19 14.38 1.36
C THR C 45 -25.04 15.26 2.59
N ALA C 46 -24.27 16.34 2.48
CA ALA C 46 -24.06 17.25 3.60
C ALA C 46 -23.85 18.66 3.14
N THR C 47 -24.32 19.61 3.96
CA THR C 47 -23.83 20.99 3.92
C THR C 47 -23.23 21.29 5.29
N TYR C 48 -22.24 22.18 5.29
CA TYR C 48 -21.52 22.49 6.51
C TYR C 48 -20.87 23.86 6.48
N ASP C 49 -20.53 24.36 7.67
CA ASP C 49 -19.79 25.60 7.83
C ASP C 49 -18.28 25.37 7.90
N LEU C 50 -17.85 24.57 8.87
CA LEU C 50 -16.45 24.26 9.14
C LEU C 50 -16.23 22.74 9.03
N ARG C 51 -15.09 22.35 8.51
CA ARG C 51 -14.77 20.92 8.26
C ARG C 51 -14.87 20.08 9.52
N HIS C 52 -14.45 20.60 10.67
CA HIS C 52 -14.55 19.82 11.91
C HIS C 52 -15.99 19.45 12.18
N HIS C 53 -16.89 20.43 12.04
CA HIS C 53 -18.29 20.16 12.29
C HIS C 53 -18.81 19.10 11.31
N LEU C 54 -18.38 19.17 10.06
CA LEU C 54 -18.73 18.17 9.06
C LEU C 54 -18.28 16.77 9.48
N TRP C 55 -17.00 16.63 9.78
CA TRP C 55 -16.46 15.30 10.08
C TRP C 55 -17.11 14.67 11.31
N GLU C 56 -17.26 15.46 12.35
CA GLU C 56 -17.89 15.00 13.57
C GLU C 56 -19.35 14.63 13.33
N ASP C 57 -20.07 15.53 12.65
CA ASP C 57 -21.49 15.33 12.51
C ASP C 57 -21.82 14.21 11.53
N ILE C 58 -20.96 14.02 10.53
CA ILE C 58 -21.04 12.84 9.67
C ILE C 58 -20.85 11.59 10.51
N GLY C 59 -19.86 11.59 11.41
CA GLY C 59 -19.67 10.43 12.27
C GLY C 59 -20.91 10.16 13.11
N ILE C 60 -21.44 11.19 13.74
CA ILE C 60 -22.65 11.02 14.56
C ILE C 60 -23.79 10.45 13.71
N THR C 61 -24.04 11.07 12.56
CA THR C 61 -25.21 10.69 11.75
C THR C 61 -25.04 9.28 11.19
N LEU C 62 -23.85 8.97 10.70
CA LEU C 62 -23.53 7.64 10.23
C LEU C 62 -23.69 6.62 11.37
N GLY C 63 -23.20 6.94 12.56
CA GLY C 63 -23.38 6.07 13.69
C GLY C 63 -24.84 5.81 14.04
N GLU C 64 -25.64 6.86 14.04
CA GLU C 64 -27.08 6.75 14.29
C GLU C 64 -27.73 5.90 13.20
N ALA C 65 -27.33 6.06 11.97
CA ALA C 65 -27.91 5.27 10.86
C ALA C 65 -27.54 3.80 10.98
N LEU C 66 -26.29 3.52 11.34
CA LEU C 66 -25.87 2.14 11.59
C LEU C 66 -26.64 1.54 12.75
N ARG C 67 -26.83 2.30 13.81
CA ARG C 67 -27.56 1.83 14.98
C ARG C 67 -29.00 1.48 14.64
N GLU C 68 -29.64 2.38 13.89
CA GLU C 68 -31.05 2.17 13.47
C GLU C 68 -31.22 0.89 12.66
N ASN C 69 -30.21 0.56 11.84
CA ASN C 69 -30.23 -0.62 10.98
C ASN C 69 -29.82 -1.93 11.63
N LEU C 70 -29.35 -1.90 12.88
CA LEU C 70 -28.92 -3.13 13.52
C LEU C 70 -30.09 -4.07 13.75
N PRO C 71 -29.87 -5.38 13.55
CA PRO C 71 -30.90 -6.33 14.01
C PRO C 71 -31.00 -6.32 15.53
N GLU C 72 -32.07 -6.87 16.07
CA GLU C 72 -32.25 -6.95 17.52
C GLU C 72 -31.03 -7.62 18.19
N LYS C 73 -30.56 -8.72 17.60
CA LYS C 73 -29.42 -9.49 18.10
C LYS C 73 -28.33 -9.41 17.05
N PHE C 74 -27.19 -8.83 17.43
CA PHE C 74 -26.09 -8.57 16.50
C PHE C 74 -24.77 -9.11 17.06
N THR C 75 -23.82 -9.33 16.16
CA THR C 75 -22.55 -9.96 16.44
C THR C 75 -21.69 -9.15 17.42
N ARG C 76 -21.85 -7.84 17.38
CA ARG C 76 -21.29 -6.88 18.39
C ARG C 76 -19.81 -6.54 18.19
N PHE C 77 -19.00 -7.57 18.01
CA PHE C 77 -17.56 -7.43 17.86
C PHE C 77 -17.10 -7.54 16.43
N GLY C 78 -16.18 -6.69 16.01
CA GLY C 78 -15.50 -6.87 14.75
C GLY C 78 -14.16 -6.18 14.74
N ASN C 79 -13.19 -6.80 14.07
CA ASN C 79 -11.85 -6.25 13.92
C ASN C 79 -11.42 -6.23 12.48
N ALA C 80 -10.43 -5.41 12.18
CA ALA C 80 -9.76 -5.45 10.90
C ALA C 80 -8.31 -5.01 11.09
N ILE C 81 -7.41 -5.62 10.35
CA ILE C 81 -6.05 -5.10 10.20
C ILE C 81 -5.88 -4.78 8.73
N MET C 82 -5.65 -3.51 8.43
CA MET C 82 -5.61 -3.03 7.09
C MET C 82 -4.26 -2.42 6.72
N PRO C 83 -3.56 -3.00 5.72
CA PRO C 83 -2.37 -2.39 5.17
C PRO C 83 -2.74 -1.40 4.07
N MET C 84 -1.92 -0.38 3.92
CA MET C 84 -1.90 0.43 2.71
C MET C 84 -0.47 0.89 2.49
N ASP C 85 0.24 0.23 1.56
CA ASP C 85 1.67 0.46 1.38
C ASP C 85 2.37 0.44 2.76
N ASP C 86 3.03 1.55 3.16
CA ASP C 86 3.73 1.61 4.45
C ASP C 86 2.82 1.47 5.67
N ALA C 87 1.55 1.84 5.53
CA ALA C 87 0.61 1.89 6.66
C ALA C 87 0.12 0.48 7.02
N LEU C 88 -0.06 0.25 8.32
CA LEU C 88 -0.66 -0.97 8.82
C LEU C 88 -1.47 -0.57 10.03
N VAL C 89 -2.79 -0.66 9.95
CA VAL C 89 -3.67 -0.09 10.97
C VAL C 89 -4.64 -1.16 11.49
N LEU C 90 -4.69 -1.29 12.81
CA LEU C 90 -5.65 -2.16 13.50
C LEU C 90 -6.87 -1.33 13.88
N VAL C 91 -8.05 -1.85 13.57
CA VAL C 91 -9.33 -1.27 13.93
C VAL C 91 -10.11 -2.31 14.68
N SER C 92 -10.59 -1.95 15.86
CA SER C 92 -11.32 -2.88 16.73
CA SER C 92 -11.34 -2.87 16.71
C SER C 92 -12.58 -2.18 17.22
N VAL C 93 -13.71 -2.84 17.04
CA VAL C 93 -15.01 -2.27 17.36
C VAL C 93 -15.76 -3.23 18.28
N ASP C 94 -16.43 -2.66 19.27
CA ASP C 94 -17.36 -3.37 20.14
C ASP C 94 -18.60 -2.48 20.22
N ILE C 95 -19.72 -2.94 19.65
CA ILE C 95 -21.00 -2.22 19.72
C ILE C 95 -21.59 -2.45 21.11
N SER C 96 -21.01 -1.74 22.06
CA SER C 96 -21.12 -2.02 23.50
C SER C 96 -22.18 -1.23 24.23
N ASN C 97 -22.71 -0.20 23.59
CA ASN C 97 -23.49 0.84 24.26
C ASN C 97 -22.70 1.63 25.31
N ARG C 98 -21.37 1.68 25.15
CA ARG C 98 -20.49 2.45 26.01
C ARG C 98 -19.62 3.32 25.11
N PRO C 99 -20.11 4.53 24.76
CA PRO C 99 -19.31 5.32 23.83
C PRO C 99 -17.88 5.55 24.29
N TYR C 100 -16.94 5.28 23.39
CA TYR C 100 -15.51 5.45 23.67
C TYR C 100 -14.75 5.38 22.36
N ALA C 101 -13.76 6.24 22.18
CA ALA C 101 -12.83 6.14 21.07
C ALA C 101 -11.42 6.34 21.57
N ASN C 102 -10.49 5.60 20.98
CA ASN C 102 -9.06 5.80 21.20
C ASN C 102 -8.42 5.68 19.84
N VAL C 103 -7.90 6.80 19.33
CA VAL C 103 -7.25 6.85 18.04
C VAL C 103 -5.79 7.17 18.26
N ASP C 104 -4.93 6.22 17.93
CA ASP C 104 -3.50 6.27 18.18
C ASP C 104 -2.80 6.09 16.85
N VAL C 105 -2.48 7.22 16.22
CA VAL C 105 -1.74 7.24 14.98
C VAL C 105 -0.49 8.11 15.12
N ASN C 106 0.42 7.95 14.16
CA ASN C 106 1.72 8.64 14.17
C ASN C 106 2.06 8.96 12.73
N ILE C 107 1.62 10.13 12.30
CA ILE C 107 1.81 10.55 10.92
C ILE C 107 3.14 11.25 10.79
N LYS C 108 4.05 10.70 9.98
CA LYS C 108 5.37 11.31 9.75
C LYS C 108 5.33 12.27 8.57
N ASP C 109 4.70 11.83 7.47
CA ASP C 109 4.60 12.62 6.24
C ASP C 109 3.17 13.14 6.12
N ALA C 110 2.95 14.39 6.53
CA ALA C 110 1.64 14.99 6.50
C ALA C 110 1.15 15.24 5.09
N GLU C 111 -0.17 15.37 4.96
CA GLU C 111 -0.79 15.64 3.67
C GLU C 111 -1.96 16.58 3.87
N GLU C 112 -2.02 17.62 3.03
CA GLU C 112 -3.11 18.62 3.10
C GLU C 112 -4.47 17.93 2.99
N GLY C 113 -5.38 18.28 3.88
CA GLY C 113 -6.70 17.69 3.89
C GLY C 113 -6.88 16.55 4.89
N PHE C 114 -5.76 15.95 5.31
CA PHE C 114 -5.74 14.85 6.26
C PHE C 114 -5.24 15.42 7.58
N ALA C 115 -6.05 15.35 8.61
CA ALA C 115 -5.65 15.83 9.91
C ALA C 115 -6.13 14.87 10.98
N VAL C 116 -5.27 14.65 11.98
CA VAL C 116 -5.65 13.86 13.14
C VAL C 116 -6.89 14.44 13.81
N SER C 117 -7.00 15.77 13.94
CA SER C 117 -8.21 16.39 14.52
C SER C 117 -9.47 15.85 13.86
N LEU C 118 -9.48 15.84 12.54
CA LEU C 118 -10.69 15.48 11.81
C LEU C 118 -10.96 13.98 11.93
N LEU C 119 -9.91 13.16 11.83
CA LEU C 119 -10.09 11.71 12.01
C LEU C 119 -10.65 11.42 13.39
N LYS C 120 -10.05 12.01 14.42
CA LYS C 120 -10.48 11.75 15.79
C LYS C 120 -11.93 12.17 16.01
N GLU C 121 -12.30 13.31 15.44
CA GLU C 121 -13.68 13.80 15.64
C GLU C 121 -14.71 12.99 14.86
N PHE C 122 -14.36 12.52 13.67
CA PHE C 122 -15.23 11.55 12.98
C PHE C 122 -15.41 10.27 13.82
N VAL C 123 -14.30 9.73 14.36
CA VAL C 123 -14.38 8.47 15.11
C VAL C 123 -15.17 8.63 16.42
N TRP C 124 -14.93 9.71 17.15
CA TRP C 124 -15.72 9.99 18.36
C TRP C 124 -17.18 10.21 18.02
N GLY C 125 -17.46 10.86 16.89
CA GLY C 125 -18.85 11.04 16.48
C GLY C 125 -19.51 9.71 16.20
N LEU C 126 -18.80 8.86 15.46
CA LEU C 126 -19.27 7.51 15.16
C LEU C 126 -19.49 6.71 16.44
N ALA C 127 -18.55 6.76 17.37
CA ALA C 127 -18.69 6.05 18.64
C ALA C 127 -19.92 6.50 19.43
N ARG C 128 -20.15 7.80 19.42
CA ARG C 128 -21.28 8.39 20.13
C ARG C 128 -22.64 8.11 19.45
N GLY C 129 -22.67 8.18 18.13
CA GLY C 129 -23.92 7.94 17.39
C GLY C 129 -24.33 6.49 17.36
N LEU C 130 -23.37 5.62 17.13
CA LEU C 130 -23.60 4.16 17.18
C LEU C 130 -23.74 3.64 18.60
N ARG C 131 -23.04 4.28 19.54
CA ARG C 131 -22.94 3.88 20.95
C ARG C 131 -22.06 2.65 21.04
N ALA C 132 -20.76 2.88 20.80
CA ALA C 132 -19.79 1.83 20.60
C ALA C 132 -18.42 2.22 21.12
N THR C 133 -17.60 1.19 21.32
CA THR C 133 -16.19 1.29 21.66
C THR C 133 -15.39 1.14 20.39
N ILE C 134 -14.52 2.09 20.05
CA ILE C 134 -13.76 2.03 18.82
C ILE C 134 -12.30 2.34 19.08
N HIS C 135 -11.43 1.40 18.71
CA HIS C 135 -9.99 1.59 18.75
C HIS C 135 -9.46 1.66 17.34
N ILE C 136 -8.60 2.64 17.10
CA ILE C 136 -7.78 2.73 15.90
C ILE C 136 -6.34 2.76 16.38
N LYS C 137 -5.57 1.74 16.05
CA LYS C 137 -4.19 1.63 16.50
C LYS C 137 -3.27 1.40 15.33
N GLN C 138 -2.48 2.42 15.01
CA GLN C 138 -1.47 2.29 13.99
C GLN C 138 -0.38 1.33 14.45
N LEU C 139 -0.09 0.31 13.66
CA LEU C 139 0.99 -0.62 13.92
C LEU C 139 2.27 -0.26 13.17
N SER C 140 2.12 0.31 11.98
CA SER C 140 3.25 0.76 11.14
CA SER C 140 3.25 0.77 11.17
C SER C 140 2.77 1.88 10.24
N GLY C 141 3.70 2.71 9.78
CA GLY C 141 3.33 3.68 8.76
C GLY C 141 3.91 5.05 8.95
N GLU C 142 3.94 5.77 7.83
CA GLU C 142 4.41 7.14 7.77
C GLU C 142 3.47 8.10 7.04
N ASN C 143 2.84 7.66 5.95
CA ASN C 143 2.10 8.55 5.08
C ASN C 143 0.68 8.83 5.60
N ALA C 144 0.31 10.09 5.71
CA ALA C 144 -0.98 10.49 6.26
C ALA C 144 -2.17 9.85 5.56
N HIS C 145 -2.15 9.87 4.23
CA HIS C 145 -3.29 9.39 3.45
C HIS C 145 -3.38 7.87 3.59
N HIS C 146 -2.24 7.20 3.54
CA HIS C 146 -2.26 5.72 3.71
C HIS C 146 -2.79 5.33 5.08
N ILE C 147 -2.33 6.03 6.12
CA ILE C 147 -2.77 5.73 7.48
C ILE C 147 -4.27 6.00 7.67
N VAL C 148 -4.73 7.19 7.28
CA VAL C 148 -6.14 7.55 7.47
C VAL C 148 -7.06 6.67 6.58
N GLU C 149 -6.68 6.46 5.33
CA GLU C 149 -7.52 5.62 4.47
C GLU C 149 -7.56 4.18 4.98
N ALA C 150 -6.43 3.66 5.48
CA ALA C 150 -6.44 2.32 6.07
C ALA C 150 -7.40 2.26 7.24
N ALA C 151 -7.44 3.30 8.04
CA ALA C 151 -8.37 3.40 9.18
C ALA C 151 -9.82 3.36 8.70
N PHE C 152 -10.15 4.12 7.66
CA PHE C 152 -11.54 4.07 7.14
C PHE C 152 -11.89 2.72 6.50
N LYS C 153 -10.97 2.14 5.74
CA LYS C 153 -11.20 0.79 5.20
C LYS C 153 -11.42 -0.19 6.35
N GLY C 154 -10.58 -0.09 7.37
CA GLY C 154 -10.68 -0.97 8.52
C GLY C 154 -11.98 -0.83 9.30
N LEU C 155 -12.45 0.41 9.48
CA LEU C 155 -13.74 0.65 10.12
C LEU C 155 -14.84 -0.04 9.34
N GLY C 156 -14.79 0.05 8.01
CA GLY C 156 -15.81 -0.60 7.18
C GLY C 156 -15.76 -2.10 7.37
N MET C 157 -14.58 -2.69 7.27
CA MET C 157 -14.41 -4.15 7.43
C MET C 157 -14.86 -4.60 8.83
N ALA C 158 -14.47 -3.88 9.87
CA ALA C 158 -14.80 -4.27 11.24
C ALA C 158 -16.29 -4.21 11.47
N LEU C 159 -16.92 -3.15 10.98
CA LEU C 159 -18.36 -2.97 11.17
C LEU C 159 -19.14 -3.95 10.31
N ARG C 160 -18.59 -4.36 9.17
CA ARG C 160 -19.20 -5.46 8.39
C ARG C 160 -19.43 -6.68 9.29
N VAL C 161 -18.46 -6.99 10.12
CA VAL C 161 -18.53 -8.15 11.02
C VAL C 161 -19.47 -7.86 12.19
N ALA C 162 -19.30 -6.71 12.81
CA ALA C 162 -19.99 -6.40 14.07
C ALA C 162 -21.49 -6.18 13.92
N THR C 163 -21.92 -5.75 12.75
CA THR C 163 -23.31 -5.43 12.51
C THR C 163 -24.16 -6.56 11.95
N LYS C 164 -23.55 -7.74 11.76
CA LYS C 164 -24.32 -8.91 11.26
C LYS C 164 -25.22 -9.44 12.33
N GLU C 165 -26.31 -10.07 11.93
CA GLU C 165 -27.21 -10.71 12.88
C GLU C 165 -26.58 -11.89 13.63
N SER C 166 -26.93 -12.03 14.89
CA SER C 166 -26.50 -13.10 15.79
C SER C 166 -27.74 -13.84 16.31
N GLU C 167 -27.53 -15.06 16.79
CA GLU C 167 -28.60 -15.82 17.43
C GLU C 167 -28.89 -15.41 18.88
N ARG C 168 -28.04 -14.58 19.50
CA ARG C 168 -28.22 -14.24 20.89
C ARG C 168 -27.85 -12.80 21.15
N VAL C 169 -28.29 -12.29 22.29
CA VAL C 169 -27.79 -11.02 22.83
C VAL C 169 -26.35 -11.29 23.26
N GLU C 170 -25.39 -10.57 22.68
CA GLU C 170 -23.99 -10.92 22.83
C GLU C 170 -23.36 -10.25 24.06
N SER C 171 -23.87 -10.58 25.24
CA SER C 171 -23.33 -10.08 26.50
C SER C 171 -23.69 -11.03 27.62
N THR C 172 -22.71 -11.33 28.47
CA THR C 172 -22.96 -12.16 29.65
C THR C 172 -23.90 -11.48 30.66
N LYS C 173 -24.01 -10.15 30.62
CA LYS C 173 -24.91 -9.46 31.55
C LYS C 173 -26.36 -9.44 31.07
N GLY C 174 -26.58 -9.93 29.85
CA GLY C 174 -27.93 -10.19 29.34
C GLY C 174 -28.55 -9.02 28.62
N VAL C 175 -27.86 -7.90 28.59
CA VAL C 175 -28.37 -6.70 27.94
C VAL C 175 -27.19 -5.87 27.48
N LEU C 176 -27.42 -5.07 26.44
CA LEU C 176 -26.46 -4.07 26.03
C LEU C 176 -27.03 -2.71 26.45
MN MN D . 18.60 -9.41 -3.67
MN MN E . 24.12 -11.24 -6.73
N1 5DL F . 22.23 -10.24 -6.11
C3 5DL F . 20.38 -8.97 -6.40
N2 5DL F . 21.56 -9.33 -6.92
C8 5DL F . 22.77 -9.20 -10.56
C7 5DL F . 22.29 -9.87 -9.26
C6 5DL F . 22.07 -8.83 -8.19
C5 5DL F . 21.39 -10.39 -5.09
O10 5DL F . 20.28 -8.47 -11.23
P9 5DL F . 21.67 -7.94 -11.25
O11 5DL F . 22.19 -7.65 -12.65
O12 5DL F . 21.78 -6.67 -10.42
O13 5DL F . 23.24 -10.84 -8.79
N4 5DL F . 20.26 -9.65 -5.21
MN MN G . -0.29 6.18 -2.28
MN MN H . -6.76 7.07 -1.60
N1 5DL I . -4.72 6.21 -1.80
C3 5DL I . -3.19 4.62 -2.32
N2 5DL I . -4.47 4.90 -2.09
C8 5DL I . -7.57 2.90 -3.12
C7 5DL I . -6.56 4.06 -3.19
C6 5DL I . -5.53 3.90 -2.12
C5 5DL I . -3.49 6.76 -1.88
O10 5DL I . -5.95 1.34 -4.58
P9 5DL I . -6.88 1.25 -3.42
O11 5DL I . -8.06 0.32 -3.70
O12 5DL I . -6.15 0.81 -2.15
O13 5DL I . -7.25 5.31 -3.01
N4 5DL I . -2.57 5.81 -2.19
MN MN J . -17.12 -7.34 34.04
MN MN K . -16.23 -0.88 33.26
N1 5DL L . -16.99 -5.27 33.21
C3 5DL L . -17.43 -3.59 31.76
N2 5DL L . -17.49 -4.91 31.98
C8 5DL L . -19.72 -7.52 30.32
C7 5DL L . -19.26 -6.58 31.45
C6 5DL L . -18.01 -5.86 31.00
C5 5DL L . -16.61 -4.09 33.76
O10 5DL L . -20.96 -5.49 29.11
P9 5DL L . -20.15 -6.70 28.75
O11 5DL L . -20.93 -7.71 27.93
O12 5DL L . -18.86 -6.35 28.03
O13 5DL L . -18.95 -7.33 32.64
N4 5DL L . -16.88 -3.07 32.89
#